data_8H7T
#
_entry.id   8H7T
#
_cell.length_a   106.600
_cell.length_b   106.600
_cell.length_c   143.700
_cell.angle_alpha   90.000
_cell.angle_beta   90.000
_cell.angle_gamma   90.000
#
_symmetry.space_group_name_H-M   'P 41 21 2'
#
loop_
_entity.id
_entity.type
_entity.pdbx_description
1 polymer 'Phytanoyl-CoA dioxygenase'
2 non-polymer 'CHLORIDE ION'
3 water water
#
_entity_poly.entity_id   1
_entity_poly.type   'polypeptide(L)'
_entity_poly.pdbx_seq_one_letter_code
;QIMEPHDTLSPAQVDEYRKNGFLVQEHVFDEEEIELLRAEAAQEFASGGERVTVEQNTGIVRGVHGCHLYSEVFGRLVRS
PRLLPIARQLLRDDVYVHQFKINAKRAFKGEVWEWHQDYTFWHHEDGMPAPRALSAAIFLDEVTEFNGPLTFVPGGHGSG
MIDADVKGEGWANTLTASLKYSLDVETMRGLIERNGMVAPKGPRGSVLWFDANIPHSSVPNISPFDRGLVLITYNSVENK
TDVTRGTRPEWLAARDFTPLTALQATSF
;
_entity_poly.pdbx_strand_id   A,B
#
loop_
_chem_comp.id
_chem_comp.type
_chem_comp.name
_chem_comp.formula
CL non-polymer 'CHLORIDE ION' 'Cl -1'
#
# COMPACT_ATOMS: atom_id res chain seq x y z
N GLN A 1 4.36 -12.75 -16.57
CA GLN A 1 2.88 -12.60 -16.37
C GLN A 1 2.64 -11.36 -15.51
N ILE A 2 1.54 -10.64 -15.79
CA ILE A 2 1.38 -9.27 -15.31
C ILE A 2 0.01 -9.12 -14.63
N MET A 3 0.01 -8.49 -13.45
CA MET A 3 -1.19 -7.94 -12.85
C MET A 3 -1.35 -6.49 -13.29
N GLU A 4 -2.57 -6.06 -13.57
CA GLU A 4 -2.85 -4.65 -13.82
C GLU A 4 -2.30 -3.85 -12.64
N PRO A 5 -1.51 -2.78 -12.86
CA PRO A 5 -1.01 -1.97 -11.76
C PRO A 5 -2.13 -1.56 -10.82
N HIS A 6 -1.84 -1.51 -9.53
CA HIS A 6 -2.85 -1.21 -8.53
C HIS A 6 -3.59 0.07 -8.89
N ASP A 7 -4.92 -0.04 -8.94
CA ASP A 7 -5.83 1.09 -9.07
C ASP A 7 -6.34 1.44 -7.68
N THR A 8 -6.28 2.73 -7.35
CA THR A 8 -6.85 3.22 -6.11
C THR A 8 -8.01 4.15 -6.47
N LEU A 9 -8.76 4.56 -5.45
CA LEU A 9 -9.88 5.46 -5.63
C LEU A 9 -9.37 6.87 -5.91
N SER A 10 -10.13 7.60 -6.73
CA SER A 10 -9.88 9.02 -6.96
C SER A 10 -10.18 9.81 -5.68
N PRO A 11 -9.66 11.04 -5.53
CA PRO A 11 -10.05 11.88 -4.39
C PRO A 11 -11.56 12.06 -4.23
N ALA A 12 -12.27 12.20 -5.36
CA ALA A 12 -13.72 12.39 -5.35
C ALA A 12 -14.41 11.14 -4.79
N GLN A 13 -13.89 9.96 -5.16
CA GLN A 13 -14.42 8.71 -4.66
C GLN A 13 -14.15 8.57 -3.16
N VAL A 14 -12.94 8.93 -2.72
CA VAL A 14 -12.61 8.86 -1.31
C VAL A 14 -13.53 9.80 -0.53
N ASP A 15 -13.71 11.03 -1.04
CA ASP A 15 -14.55 12.02 -0.40
C ASP A 15 -15.98 11.51 -0.28
N GLU A 16 -16.48 10.85 -1.34
CA GLU A 16 -17.84 10.33 -1.35
C GLU A 16 -17.96 9.22 -0.32
N TYR A 17 -16.95 8.34 -0.26
CA TYR A 17 -16.95 7.26 0.72
C TYR A 17 -17.00 7.81 2.15
N ARG A 18 -16.21 8.84 2.44
CA ARG A 18 -16.13 9.35 3.80
C ARG A 18 -17.41 10.10 4.16
N LYS A 19 -18.02 10.78 3.19
CA LYS A 19 -19.23 11.54 3.43
C LYS A 19 -20.42 10.62 3.65
N ASN A 20 -20.63 9.67 2.72
CA ASN A 20 -21.82 8.84 2.69
C ASN A 20 -21.66 7.60 3.55
N GLY A 21 -20.41 7.12 3.66
CA GLY A 21 -20.11 5.91 4.41
C GLY A 21 -20.16 4.65 3.54
N PHE A 22 -20.36 4.84 2.24
CA PHE A 22 -20.36 3.74 1.28
C PHE A 22 -20.06 4.28 -0.12
N LEU A 23 -19.66 3.35 -1.00
CA LEU A 23 -19.28 3.65 -2.37
C LEU A 23 -19.38 2.36 -3.20
N VAL A 24 -19.97 2.47 -4.40
CA VAL A 24 -20.03 1.37 -5.34
C VAL A 24 -19.00 1.60 -6.45
N GLN A 25 -18.21 0.56 -6.73
CA GLN A 25 -17.46 0.46 -7.98
C GLN A 25 -18.10 -0.62 -8.84
N GLU A 26 -18.53 -0.24 -10.05
CA GLU A 26 -19.24 -1.18 -10.91
C GLU A 26 -18.23 -2.05 -11.67
N HIS A 27 -18.61 -3.32 -11.89
CA HIS A 27 -17.91 -4.17 -12.85
C HIS A 27 -16.43 -4.32 -12.50
N VAL A 28 -16.13 -4.61 -11.23
CA VAL A 28 -14.76 -4.85 -10.81
C VAL A 28 -14.31 -6.22 -11.31
N PHE A 29 -15.19 -7.22 -11.12
CA PHE A 29 -14.91 -8.60 -11.51
C PHE A 29 -15.79 -8.95 -12.70
N ASP A 30 -15.26 -9.80 -13.59
CA ASP A 30 -15.98 -10.19 -14.80
C ASP A 30 -16.84 -11.41 -14.49
N GLU A 31 -17.65 -11.83 -15.49
CA GLU A 31 -18.62 -12.90 -15.30
C GLU A 31 -17.93 -14.21 -14.94
N GLU A 32 -16.77 -14.47 -15.55
CA GLU A 32 -16.09 -15.74 -15.33
C GLU A 32 -15.53 -15.77 -13.92
N GLU A 33 -14.97 -14.64 -13.47
CA GLU A 33 -14.47 -14.49 -12.10
C GLU A 33 -15.60 -14.71 -11.10
N ILE A 34 -16.76 -14.08 -11.35
CA ILE A 34 -17.87 -14.18 -10.42
C ILE A 34 -18.39 -15.62 -10.37
N GLU A 35 -18.40 -16.30 -11.51
CA GLU A 35 -18.85 -17.68 -11.53
C GLU A 35 -17.92 -18.55 -10.68
N LEU A 36 -16.59 -18.31 -10.74
CA LEU A 36 -15.68 -19.06 -9.90
C LEU A 36 -15.97 -18.81 -8.41
N LEU A 37 -16.34 -17.57 -8.05
CA LEU A 37 -16.62 -17.27 -6.66
C LEU A 37 -17.95 -17.89 -6.23
N ARG A 38 -18.94 -17.89 -7.14
CA ARG A 38 -20.23 -18.48 -6.84
C ARG A 38 -20.08 -19.97 -6.58
N ALA A 39 -19.30 -20.66 -7.43
CA ALA A 39 -19.10 -22.09 -7.29
C ALA A 39 -18.40 -22.40 -5.97
N GLU A 40 -17.42 -21.57 -5.59
CA GLU A 40 -16.70 -21.78 -4.34
C GLU A 40 -17.61 -21.51 -3.15
N ALA A 41 -18.49 -20.50 -3.26
CA ALA A 41 -19.46 -20.21 -2.22
C ALA A 41 -20.36 -21.42 -1.98
N ALA A 42 -20.80 -22.07 -3.07
CA ALA A 42 -21.64 -23.25 -2.96
C ALA A 42 -20.91 -24.37 -2.22
N GLN A 43 -19.61 -24.53 -2.49
CA GLN A 43 -18.80 -25.53 -1.83
C GLN A 43 -18.72 -25.23 -0.32
N GLU A 44 -18.55 -23.95 0.02
CA GLU A 44 -18.45 -23.53 1.41
C GLU A 44 -19.78 -23.74 2.14
N PHE A 45 -20.91 -23.50 1.46
CA PHE A 45 -22.21 -23.77 2.05
C PHE A 45 -22.35 -25.27 2.37
N ALA A 46 -21.79 -26.12 1.50
CA ALA A 46 -21.92 -27.56 1.63
C ALA A 46 -20.95 -28.13 2.66
N SER A 47 -19.79 -27.48 2.86
CA SER A 47 -18.71 -28.07 3.66
C SER A 47 -18.46 -27.30 4.95
N GLY A 48 -19.23 -26.23 5.20
CA GLY A 48 -18.90 -25.25 6.23
C GLY A 48 -19.16 -25.74 7.66
N GLY A 49 -20.06 -26.72 7.82
CA GLY A 49 -20.38 -27.27 9.13
C GLY A 49 -20.92 -26.22 10.08
N GLU A 50 -20.22 -26.01 11.21
CA GLU A 50 -20.67 -25.07 12.25
C GLU A 50 -20.57 -23.62 11.77
N ARG A 51 -19.82 -23.37 10.69
CA ARG A 51 -19.63 -22.02 10.17
C ARG A 51 -20.82 -21.58 9.33
N VAL A 52 -21.76 -22.49 9.04
CA VAL A 52 -22.91 -22.17 8.22
C VAL A 52 -24.08 -21.74 9.11
N THR A 53 -24.83 -20.73 8.64
CA THR A 53 -26.09 -20.32 9.24
C THR A 53 -27.23 -20.79 8.35
N VAL A 54 -28.24 -21.47 8.94
CA VAL A 54 -29.33 -22.05 8.19
C VAL A 54 -30.65 -21.45 8.65
N GLU A 55 -31.62 -21.38 7.72
CA GLU A 55 -32.98 -20.95 8.04
C GLU A 55 -33.70 -22.08 8.77
N ILE A 60 -31.51 -25.28 4.27
CA ILE A 60 -31.86 -23.85 3.99
C ILE A 60 -30.68 -22.97 4.38
N VAL A 61 -29.56 -23.13 3.67
CA VAL A 61 -28.32 -22.43 3.97
C VAL A 61 -28.48 -20.95 3.63
N ARG A 62 -28.31 -20.09 4.65
CA ARG A 62 -28.46 -18.65 4.51
C ARG A 62 -27.09 -18.02 4.25
N GLY A 63 -26.08 -18.41 5.05
CA GLY A 63 -24.79 -17.77 5.02
C GLY A 63 -23.70 -18.65 5.64
N VAL A 64 -22.44 -18.24 5.46
CA VAL A 64 -21.30 -18.95 6.00
C VAL A 64 -20.24 -17.92 6.36
N HIS A 65 -19.50 -18.16 7.46
CA HIS A 65 -18.45 -17.28 7.94
C HIS A 65 -17.08 -17.95 7.80
N GLY A 66 -16.06 -17.14 7.51
CA GLY A 66 -14.67 -17.48 7.75
C GLY A 66 -14.00 -18.22 6.61
N CYS A 67 -14.57 -18.15 5.40
CA CYS A 67 -14.17 -18.99 4.29
C CYS A 67 -12.72 -18.75 3.86
N HIS A 68 -12.21 -17.53 4.05
CA HIS A 68 -10.85 -17.22 3.63
C HIS A 68 -9.82 -18.04 4.40
N LEU A 69 -10.20 -18.61 5.55
CA LEU A 69 -9.32 -19.44 6.37
C LEU A 69 -9.34 -20.89 5.90
N TYR A 70 -10.32 -21.28 5.08
CA TYR A 70 -10.55 -22.69 4.75
C TYR A 70 -10.52 -22.95 3.25
N SER A 71 -10.67 -21.89 2.44
CA SER A 71 -10.74 -21.98 1.00
C SER A 71 -9.54 -21.26 0.39
N GLU A 72 -8.80 -21.94 -0.49
CA GLU A 72 -7.65 -21.32 -1.13
C GLU A 72 -8.12 -20.19 -2.03
N VAL A 73 -9.25 -20.37 -2.72
CA VAL A 73 -9.79 -19.36 -3.61
C VAL A 73 -10.11 -18.08 -2.80
N PHE A 74 -10.82 -18.22 -1.68
CA PHE A 74 -11.21 -17.06 -0.91
C PHE A 74 -10.01 -16.46 -0.18
N GLY A 75 -9.02 -17.29 0.18
CA GLY A 75 -7.76 -16.79 0.72
C GLY A 75 -7.01 -15.88 -0.26
N ARG A 76 -7.09 -16.21 -1.56
N ARG A 76 -7.07 -16.23 -1.56
CA ARG A 76 -6.47 -15.40 -2.59
CA ARG A 76 -6.49 -15.43 -2.63
C ARG A 76 -7.31 -14.15 -2.85
C ARG A 76 -7.32 -14.16 -2.84
N LEU A 77 -8.65 -14.30 -2.84
CA LEU A 77 -9.54 -13.18 -3.12
C LEU A 77 -9.26 -11.99 -2.21
N VAL A 78 -9.04 -12.24 -0.91
CA VAL A 78 -8.88 -11.12 0.02
C VAL A 78 -7.58 -10.38 -0.26
N ARG A 79 -6.63 -11.00 -0.98
CA ARG A 79 -5.37 -10.36 -1.36
C ARG A 79 -5.44 -9.78 -2.78
N SER A 80 -6.63 -9.75 -3.38
CA SER A 80 -6.77 -9.35 -4.77
C SER A 80 -6.23 -7.94 -4.99
N PRO A 81 -5.52 -7.68 -6.11
CA PRO A 81 -5.13 -6.31 -6.44
C PRO A 81 -6.31 -5.37 -6.71
N ARG A 82 -7.52 -5.93 -6.91
CA ARG A 82 -8.73 -5.14 -7.07
C ARG A 82 -9.28 -4.65 -5.73
N LEU A 83 -8.83 -5.25 -4.62
CA LEU A 83 -9.44 -5.00 -3.31
C LEU A 83 -8.41 -4.44 -2.33
N LEU A 84 -7.29 -5.14 -2.16
CA LEU A 84 -6.37 -4.84 -1.08
C LEU A 84 -5.85 -3.40 -1.15
N PRO A 85 -5.44 -2.86 -2.33
CA PRO A 85 -4.93 -1.49 -2.39
C PRO A 85 -5.94 -0.44 -1.92
N ILE A 86 -7.22 -0.66 -2.21
CA ILE A 86 -8.26 0.28 -1.81
C ILE A 86 -8.53 0.19 -0.31
N ALA A 87 -8.52 -1.03 0.26
CA ALA A 87 -8.66 -1.17 1.70
C ALA A 87 -7.51 -0.44 2.41
N ARG A 88 -6.28 -0.61 1.91
CA ARG A 88 -5.12 0.05 2.48
C ARG A 88 -5.27 1.57 2.38
N GLN A 89 -5.78 2.02 1.24
CA GLN A 89 -5.95 3.44 0.97
C GLN A 89 -6.97 4.04 1.95
N LEU A 90 -8.12 3.40 2.10
CA LEU A 90 -9.21 3.99 2.87
C LEU A 90 -8.93 3.92 4.36
N LEU A 91 -8.28 2.85 4.83
CA LEU A 91 -7.97 2.71 6.24
C LEU A 91 -6.61 3.32 6.57
N ARG A 92 -5.86 3.75 5.54
CA ARG A 92 -4.60 4.46 5.70
C ARG A 92 -3.64 3.62 6.56
N ASP A 93 -3.55 2.33 6.25
CA ASP A 93 -2.74 1.41 7.05
C ASP A 93 -2.53 0.15 6.23
N ASP A 94 -1.63 -0.72 6.70
CA ASP A 94 -1.72 -2.12 6.36
C ASP A 94 -3.03 -2.66 6.94
N VAL A 95 -3.55 -3.72 6.33
CA VAL A 95 -4.85 -4.26 6.71
C VAL A 95 -4.77 -5.78 6.81
N TYR A 96 -5.75 -6.36 7.52
CA TYR A 96 -5.97 -7.79 7.59
C TYR A 96 -7.48 -8.02 7.55
N VAL A 97 -7.90 -9.29 7.38
CA VAL A 97 -9.32 -9.62 7.36
C VAL A 97 -9.80 -9.91 8.78
N HIS A 98 -10.73 -9.09 9.26
CA HIS A 98 -11.36 -9.30 10.56
C HIS A 98 -12.43 -10.38 10.44
N GLN A 99 -13.25 -10.29 9.39
CA GLN A 99 -14.37 -11.18 9.20
C GLN A 99 -14.62 -11.35 7.70
N PHE A 100 -15.07 -12.57 7.36
CA PHE A 100 -15.46 -12.94 6.02
C PHE A 100 -16.82 -13.63 6.10
N LYS A 101 -17.78 -13.19 5.29
CA LYS A 101 -19.04 -13.91 5.23
C LYS A 101 -19.64 -13.86 3.83
N ILE A 102 -20.40 -14.90 3.52
CA ILE A 102 -21.20 -14.97 2.31
C ILE A 102 -22.66 -14.99 2.75
N ASN A 103 -23.43 -14.03 2.23
CA ASN A 103 -24.85 -13.87 2.49
C ASN A 103 -25.61 -14.17 1.21
N ALA A 104 -26.28 -15.32 1.16
CA ALA A 104 -27.12 -15.69 0.03
C ALA A 104 -28.56 -15.34 0.36
N LYS A 105 -29.20 -14.58 -0.53
CA LYS A 105 -30.62 -14.29 -0.42
C LYS A 105 -31.28 -14.76 -1.71
N ARG A 106 -31.85 -15.97 -1.63
CA ARG A 106 -32.32 -16.69 -2.82
C ARG A 106 -33.58 -16.00 -3.34
N ALA A 107 -33.87 -16.24 -4.62
CA ALA A 107 -35.10 -15.78 -5.25
C ALA A 107 -36.29 -16.14 -4.36
N PHE A 108 -37.16 -15.14 -4.13
CA PHE A 108 -38.42 -15.34 -3.41
C PHE A 108 -38.17 -15.83 -1.99
N LYS A 109 -37.02 -15.48 -1.40
CA LYS A 109 -36.69 -15.90 -0.05
C LYS A 109 -36.05 -14.74 0.70
N GLY A 110 -35.78 -14.95 1.99
CA GLY A 110 -35.12 -13.97 2.83
C GLY A 110 -36.03 -13.50 3.96
N GLU A 111 -35.41 -12.86 4.97
CA GLU A 111 -36.14 -12.26 6.07
C GLU A 111 -35.72 -10.80 6.20
N VAL A 112 -36.48 -10.03 6.98
CA VAL A 112 -36.11 -8.67 7.29
C VAL A 112 -34.86 -8.71 8.16
N TRP A 113 -33.92 -7.84 7.84
CA TRP A 113 -32.68 -7.71 8.57
C TRP A 113 -32.69 -6.38 9.32
N GLU A 114 -32.72 -6.44 10.65
CA GLU A 114 -32.92 -5.27 11.50
C GLU A 114 -31.78 -4.26 11.30
N TRP A 115 -32.06 -2.99 11.58
CA TRP A 115 -31.06 -1.94 11.52
C TRP A 115 -29.96 -2.22 12.54
N HIS A 116 -28.71 -2.12 12.08
CA HIS A 116 -27.57 -2.35 12.96
C HIS A 116 -26.32 -1.69 12.38
N GLN A 117 -25.32 -1.53 13.27
CA GLN A 117 -23.99 -1.11 12.91
C GLN A 117 -23.03 -2.26 13.24
N ASP A 118 -22.24 -2.70 12.27
CA ASP A 118 -21.31 -3.79 12.48
C ASP A 118 -20.35 -3.46 13.61
N TYR A 119 -19.91 -2.21 13.69
CA TYR A 119 -18.90 -1.81 14.67
C TYR A 119 -19.40 -2.06 16.10
N THR A 120 -20.71 -1.91 16.34
CA THR A 120 -21.25 -2.17 17.67
C THR A 120 -20.92 -3.60 18.10
N PHE A 121 -21.10 -4.56 17.19
CA PHE A 121 -20.79 -5.95 17.44
C PHE A 121 -19.28 -6.13 17.65
N TRP A 122 -18.47 -5.57 16.75
CA TRP A 122 -17.04 -5.82 16.75
C TRP A 122 -16.37 -5.16 17.96
N HIS A 123 -16.90 -4.01 18.38
CA HIS A 123 -16.40 -3.34 19.57
C HIS A 123 -16.69 -4.17 20.81
N HIS A 124 -17.95 -4.55 21.01
CA HIS A 124 -18.39 -5.17 22.25
C HIS A 124 -18.04 -6.65 22.28
N GLU A 125 -18.12 -7.34 21.15
CA GLU A 125 -17.88 -8.78 21.11
C GLU A 125 -16.39 -9.09 21.00
N ASP A 126 -15.67 -8.31 20.18
CA ASP A 126 -14.34 -8.71 19.73
C ASP A 126 -13.25 -7.79 20.28
N GLY A 127 -13.61 -6.65 20.85
CA GLY A 127 -12.64 -5.71 21.39
C GLY A 127 -11.97 -4.87 20.31
N MET A 128 -12.70 -4.58 19.22
CA MET A 128 -12.19 -3.67 18.20
C MET A 128 -12.22 -2.26 18.79
N PRO A 129 -11.05 -1.58 18.93
CA PRO A 129 -10.98 -0.34 19.69
C PRO A 129 -11.57 0.91 19.03
N ALA A 130 -11.58 0.95 17.70
CA ALA A 130 -12.12 2.07 16.96
C ALA A 130 -12.74 1.58 15.66
N PRO A 131 -13.64 2.35 15.02
CA PRO A 131 -14.27 1.92 13.76
C PRO A 131 -13.41 2.12 12.52
N ARG A 132 -12.11 1.77 12.61
CA ARG A 132 -11.18 1.93 11.52
C ARG A 132 -11.15 0.65 10.70
N ALA A 133 -12.32 0.33 10.15
CA ALA A 133 -12.54 -0.90 9.40
C ALA A 133 -13.64 -0.64 8.37
N LEU A 134 -13.72 -1.52 7.39
CA LEU A 134 -14.73 -1.43 6.35
C LEU A 134 -15.02 -2.82 5.80
N SER A 135 -16.11 -2.92 5.05
CA SER A 135 -16.47 -4.14 4.36
C SER A 135 -16.51 -3.87 2.86
N ALA A 136 -16.03 -4.86 2.10
CA ALA A 136 -16.19 -4.89 0.65
C ALA A 136 -17.18 -6.00 0.33
N ALA A 137 -18.34 -5.60 -0.22
CA ALA A 137 -19.37 -6.55 -0.62
C ALA A 137 -19.32 -6.75 -2.12
N ILE A 138 -18.95 -7.96 -2.53
CA ILE A 138 -18.86 -8.31 -3.94
C ILE A 138 -20.22 -8.83 -4.38
N PHE A 139 -20.74 -8.24 -5.45
CA PHE A 139 -22.05 -8.60 -5.99
C PHE A 139 -21.92 -9.83 -6.88
N LEU A 140 -22.38 -10.99 -6.40
CA LEU A 140 -22.39 -12.20 -7.22
C LEU A 140 -23.54 -12.13 -8.23
N ASP A 141 -24.50 -11.23 -8.00
CA ASP A 141 -25.64 -11.03 -8.86
C ASP A 141 -25.93 -9.52 -8.92
N GLU A 142 -26.61 -9.07 -9.98
CA GLU A 142 -27.07 -7.70 -10.04
C GLU A 142 -27.91 -7.42 -8.79
N VAL A 143 -27.64 -6.28 -8.14
CA VAL A 143 -28.42 -5.82 -7.01
C VAL A 143 -29.42 -4.77 -7.50
N THR A 144 -30.69 -5.02 -7.19
CA THR A 144 -31.79 -4.21 -7.68
C THR A 144 -32.63 -3.70 -6.50
N GLU A 145 -33.70 -2.98 -6.83
CA GLU A 145 -34.66 -2.50 -5.85
C GLU A 145 -35.37 -3.68 -5.16
N PHE A 146 -35.40 -4.86 -5.81
CA PHE A 146 -36.38 -5.89 -5.50
C PHE A 146 -35.77 -7.21 -5.05
N ASN A 147 -34.44 -7.30 -4.94
CA ASN A 147 -33.83 -8.54 -4.49
C ASN A 147 -33.13 -8.34 -3.14
N GLY A 148 -33.69 -7.46 -2.31
CA GLY A 148 -33.25 -7.29 -0.93
C GLY A 148 -31.87 -6.64 -0.83
N PRO A 149 -31.66 -5.45 -1.43
CA PRO A 149 -30.37 -4.77 -1.36
C PRO A 149 -30.05 -4.31 0.05
N LEU A 150 -28.76 -4.30 0.39
CA LEU A 150 -28.32 -3.61 1.60
C LEU A 150 -28.77 -2.16 1.51
N THR A 151 -29.41 -1.69 2.58
CA THR A 151 -29.97 -0.35 2.65
C THR A 151 -29.28 0.39 3.79
N PHE A 152 -28.88 1.64 3.53
CA PHE A 152 -28.04 2.40 4.45
C PHE A 152 -28.69 3.73 4.82
N VAL A 153 -28.27 4.27 5.96
CA VAL A 153 -28.47 5.68 6.26
C VAL A 153 -27.20 6.42 5.84
N PRO A 154 -27.23 7.18 4.72
CA PRO A 154 -26.03 7.89 4.27
C PRO A 154 -25.59 8.91 5.31
N GLY A 155 -24.30 8.90 5.66
CA GLY A 155 -23.75 9.80 6.65
C GLY A 155 -24.06 9.36 8.08
N GLY A 156 -24.69 8.18 8.22
CA GLY A 156 -25.18 7.71 9.51
C GLY A 156 -24.07 7.12 10.38
N HIS A 157 -22.87 7.00 9.81
CA HIS A 157 -21.69 6.51 10.51
C HIS A 157 -20.99 7.64 11.26
N GLY A 158 -21.42 8.89 11.03
CA GLY A 158 -20.63 10.06 11.41
C GLY A 158 -20.96 10.60 12.80
N SER A 159 -21.81 9.89 13.56
CA SER A 159 -22.06 10.22 14.95
C SER A 159 -21.64 9.05 15.84
N GLY A 160 -20.77 8.18 15.31
CA GLY A 160 -20.22 7.08 16.07
C GLY A 160 -21.27 6.00 16.38
N MET A 161 -20.98 5.25 17.45
CA MET A 161 -21.77 4.09 17.85
C MET A 161 -23.07 4.55 18.46
N ILE A 162 -24.19 4.03 17.92
CA ILE A 162 -25.51 4.35 18.45
C ILE A 162 -25.88 3.32 19.51
N ASP A 163 -26.48 3.80 20.61
CA ASP A 163 -26.78 2.95 21.75
C ASP A 163 -27.76 1.88 21.32
N ALA A 164 -27.41 0.60 21.57
CA ALA A 164 -28.24 -0.53 21.21
C ALA A 164 -28.60 -1.31 22.48
N ASP A 165 -29.67 -2.11 22.38
CA ASP A 165 -30.09 -3.00 23.46
C ASP A 165 -29.46 -4.37 23.23
N VAL A 166 -28.76 -4.88 24.26
CA VAL A 166 -28.05 -6.14 24.18
C VAL A 166 -29.04 -7.27 24.47
N LYS A 167 -29.04 -8.29 23.60
CA LYS A 167 -29.82 -9.51 23.82
C LYS A 167 -28.88 -10.72 23.81
N TRP A 171 -22.39 -16.11 21.47
CA TRP A 171 -21.70 -15.42 20.34
C TRP A 171 -22.72 -14.62 19.53
N ALA A 172 -22.48 -13.31 19.41
CA ALA A 172 -23.26 -12.50 18.48
C ALA A 172 -22.99 -12.98 17.06
N ASN A 173 -23.89 -12.58 16.15
CA ASN A 173 -23.84 -13.00 14.77
C ASN A 173 -24.85 -12.15 14.01
N THR A 174 -24.37 -11.37 13.03
CA THR A 174 -25.26 -10.49 12.29
C THR A 174 -26.06 -11.27 11.25
N LEU A 175 -25.83 -12.59 11.15
CA LEU A 175 -26.65 -13.41 10.27
C LEU A 175 -27.74 -14.15 11.07
N THR A 176 -27.77 -13.96 12.40
CA THR A 176 -28.82 -14.53 13.24
C THR A 176 -30.14 -13.79 12.97
N ALA A 177 -31.26 -14.45 13.31
CA ALA A 177 -32.58 -13.89 13.12
C ALA A 177 -32.75 -12.65 14.00
N SER A 178 -32.60 -12.82 15.32
CA SER A 178 -32.66 -11.72 16.28
C SER A 178 -31.24 -11.24 16.58
N LEU A 179 -30.93 -10.01 16.18
CA LEU A 179 -29.61 -9.42 16.38
C LEU A 179 -29.42 -9.10 17.86
N LYS A 180 -28.20 -9.34 18.36
CA LYS A 180 -27.87 -9.09 19.75
C LYS A 180 -27.91 -7.58 20.03
N TYR A 181 -27.41 -6.78 19.07
CA TYR A 181 -27.43 -5.34 19.17
C TYR A 181 -28.22 -4.76 18.00
N SER A 182 -29.47 -4.36 18.27
CA SER A 182 -30.31 -3.72 17.26
C SER A 182 -30.63 -2.29 17.71
N LEU A 183 -31.02 -1.45 16.75
CA LEU A 183 -31.23 -0.03 16.98
C LEU A 183 -32.71 0.26 17.19
N ASP A 184 -33.02 1.06 18.23
CA ASP A 184 -34.39 1.33 18.64
C ASP A 184 -35.08 2.24 17.63
N VAL A 185 -36.41 2.33 17.73
CA VAL A 185 -37.22 3.05 16.77
C VAL A 185 -36.90 4.55 16.84
N GLU A 186 -36.67 5.05 18.07
CA GLU A 186 -36.48 6.48 18.30
C GLU A 186 -35.15 6.92 17.71
N THR A 187 -34.10 6.12 17.92
CA THR A 187 -32.78 6.44 17.42
C THR A 187 -32.78 6.47 15.90
N MET A 188 -33.41 5.48 15.27
CA MET A 188 -33.41 5.34 13.82
C MET A 188 -34.26 6.44 13.19
N ARG A 189 -35.40 6.75 13.82
CA ARG A 189 -36.31 7.77 13.32
C ARG A 189 -35.53 9.06 13.10
N GLY A 190 -34.81 9.49 14.15
CA GLY A 190 -34.03 10.72 14.11
C GLY A 190 -32.99 10.71 12.99
N LEU A 191 -32.21 9.62 12.93
CA LEU A 191 -31.16 9.46 11.94
C LEU A 191 -31.75 9.50 10.53
N ILE A 192 -32.86 8.79 10.33
CA ILE A 192 -33.44 8.70 9.00
C ILE A 192 -34.11 10.03 8.63
N GLU A 193 -34.73 10.70 9.60
CA GLU A 193 -35.36 11.99 9.33
C GLU A 193 -34.31 12.99 8.85
N ARG A 194 -33.12 12.94 9.43
CA ARG A 194 -32.06 13.88 9.09
C ARG A 194 -31.38 13.49 7.78
N ASN A 195 -31.15 12.19 7.56
CA ASN A 195 -30.18 11.72 6.58
C ASN A 195 -30.82 10.95 5.43
N GLY A 196 -32.03 10.41 5.63
CA GLY A 196 -32.68 9.59 4.63
C GLY A 196 -32.14 8.16 4.59
N MET A 197 -32.53 7.42 3.54
CA MET A 197 -32.11 6.03 3.33
C MET A 197 -31.71 5.87 1.86
N VAL A 198 -30.76 4.97 1.59
CA VAL A 198 -30.32 4.67 0.23
C VAL A 198 -29.98 3.19 0.13
N ALA A 199 -30.43 2.56 -0.97
CA ALA A 199 -30.06 1.19 -1.29
C ALA A 199 -29.21 1.20 -2.56
N PRO A 200 -27.87 1.18 -2.43
CA PRO A 200 -26.99 1.21 -3.60
C PRO A 200 -27.25 0.01 -4.51
N LYS A 201 -27.36 0.29 -5.81
CA LYS A 201 -27.59 -0.74 -6.81
C LYS A 201 -26.32 -0.96 -7.60
N GLY A 202 -26.26 -2.05 -8.37
CA GLY A 202 -25.12 -2.26 -9.24
C GLY A 202 -25.17 -3.60 -9.96
N PRO A 203 -24.45 -3.72 -11.08
CA PRO A 203 -24.37 -4.99 -11.81
C PRO A 203 -23.55 -6.04 -11.08
N ARG A 204 -23.74 -7.29 -11.50
CA ARG A 204 -22.90 -8.40 -11.10
C ARG A 204 -21.44 -7.99 -11.26
N GLY A 205 -20.63 -8.31 -10.26
CA GLY A 205 -19.19 -8.07 -10.30
C GLY A 205 -18.81 -6.72 -9.69
N SER A 206 -19.80 -5.92 -9.26
CA SER A 206 -19.55 -4.67 -8.59
C SER A 206 -19.03 -4.93 -7.18
N VAL A 207 -18.37 -3.92 -6.59
CA VAL A 207 -17.98 -3.96 -5.19
C VAL A 207 -18.61 -2.77 -4.48
N LEU A 208 -19.31 -3.06 -3.39
CA LEU A 208 -19.86 -2.06 -2.50
C LEU A 208 -18.99 -1.99 -1.25
N TRP A 209 -18.29 -0.85 -1.10
CA TRP A 209 -17.49 -0.54 0.07
C TRP A 209 -18.36 0.15 1.10
N PHE A 210 -18.31 -0.27 2.37
CA PHE A 210 -19.08 0.42 3.39
C PHE A 210 -18.39 0.38 4.75
N ASP A 211 -18.63 1.46 5.50
CA ASP A 211 -17.97 1.76 6.75
C ASP A 211 -18.45 0.81 7.83
N ALA A 212 -17.55 0.47 8.76
CA ALA A 212 -17.85 -0.37 9.91
C ALA A 212 -19.04 0.16 10.71
N ASN A 213 -19.21 1.49 10.71
CA ASN A 213 -20.16 2.12 11.62
C ASN A 213 -21.42 2.61 10.90
N ILE A 214 -21.62 2.25 9.63
CA ILE A 214 -22.80 2.76 8.94
C ILE A 214 -24.00 1.89 9.31
N PRO A 215 -25.14 2.49 9.72
CA PRO A 215 -26.37 1.73 9.96
C PRO A 215 -26.87 1.10 8.66
N HIS A 216 -27.21 -0.19 8.70
CA HIS A 216 -27.79 -0.82 7.53
C HIS A 216 -28.79 -1.90 7.91
N SER A 217 -29.59 -2.26 6.90
CA SER A 217 -30.74 -3.14 7.00
C SER A 217 -31.05 -3.68 5.61
N SER A 218 -31.97 -4.66 5.52
CA SER A 218 -32.39 -5.19 4.24
C SER A 218 -33.71 -5.95 4.40
N VAL A 219 -34.37 -6.19 3.26
CA VAL A 219 -35.66 -6.86 3.24
C VAL A 219 -35.54 -8.14 2.41
N PRO A 220 -36.56 -9.03 2.45
CA PRO A 220 -36.60 -10.21 1.59
C PRO A 220 -36.53 -9.92 0.09
N ASN A 221 -36.07 -10.94 -0.64
CA ASN A 221 -35.92 -10.90 -2.08
C ASN A 221 -37.24 -11.35 -2.72
N ILE A 222 -37.95 -10.45 -3.40
CA ILE A 222 -39.21 -10.80 -4.04
C ILE A 222 -39.03 -10.96 -5.55
N SER A 223 -37.78 -11.07 -6.00
CA SER A 223 -37.49 -11.28 -7.40
C SER A 223 -37.29 -12.77 -7.66
N PRO A 224 -37.33 -13.20 -8.94
CA PRO A 224 -36.97 -14.57 -9.30
C PRO A 224 -35.48 -14.83 -9.46
N PHE A 225 -34.65 -13.89 -8.98
CA PHE A 225 -33.21 -13.92 -9.14
C PHE A 225 -32.54 -13.87 -7.77
N ASP A 226 -31.46 -14.63 -7.60
CA ASP A 226 -30.70 -14.66 -6.37
C ASP A 226 -29.96 -13.34 -6.17
N ARG A 227 -29.60 -13.06 -4.91
CA ARG A 227 -28.75 -11.93 -4.55
C ARG A 227 -27.64 -12.44 -3.64
N GLY A 228 -26.57 -12.96 -4.25
CA GLY A 228 -25.41 -13.40 -3.47
C GLY A 228 -24.45 -12.24 -3.21
N LEU A 229 -23.99 -12.11 -1.95
CA LEU A 229 -22.94 -11.16 -1.59
C LEU A 229 -21.81 -11.91 -0.90
N VAL A 230 -20.58 -11.59 -1.29
CA VAL A 230 -19.39 -11.98 -0.55
C VAL A 230 -18.88 -10.74 0.17
N LEU A 231 -18.86 -10.77 1.51
CA LEU A 231 -18.48 -9.61 2.31
C LEU A 231 -17.17 -9.86 3.02
N ILE A 232 -16.16 -9.05 2.65
CA ILE A 232 -14.85 -9.09 3.26
C ILE A 232 -14.68 -7.85 4.14
N THR A 233 -14.49 -8.07 5.45
CA THR A 233 -14.24 -6.97 6.37
C THR A 233 -12.73 -6.84 6.59
N TYR A 234 -12.17 -5.73 6.09
CA TYR A 234 -10.80 -5.37 6.33
C TYR A 234 -10.72 -4.47 7.56
N ASN A 235 -9.72 -4.74 8.40
CA ASN A 235 -9.44 -3.92 9.56
C ASN A 235 -8.00 -3.41 9.47
N SER A 236 -7.80 -2.17 9.93
CA SER A 236 -6.47 -1.61 10.14
C SER A 236 -5.68 -2.50 11.10
N VAL A 237 -4.41 -2.76 10.76
CA VAL A 237 -3.52 -3.54 11.61
C VAL A 237 -3.29 -2.81 12.93
N GLU A 238 -3.12 -1.47 12.88
CA GLU A 238 -3.01 -0.71 14.11
C GLU A 238 -4.25 -0.90 14.98
N ASN A 239 -5.41 -1.05 14.31
CA ASN A 239 -6.71 -1.17 14.96
C ASN A 239 -7.06 -2.62 15.28
N LYS A 240 -6.06 -3.51 15.37
CA LYS A 240 -6.31 -4.91 15.65
C LYS A 240 -7.13 -5.04 16.92
N THR A 241 -7.97 -6.08 16.97
CA THR A 241 -8.87 -6.30 18.08
C THR A 241 -8.06 -6.76 19.29
N ASP A 242 -8.67 -6.60 20.46
CA ASP A 242 -8.09 -7.07 21.70
C ASP A 242 -8.56 -8.51 21.91
N VAL A 243 -7.67 -9.47 21.63
CA VAL A 243 -8.01 -10.89 21.70
C VAL A 243 -8.27 -11.29 23.16
N THR A 244 -7.93 -10.41 24.10
CA THR A 244 -8.15 -10.66 25.53
C THR A 244 -9.58 -10.31 25.92
N ARG A 245 -10.25 -9.45 25.15
CA ARG A 245 -11.64 -9.10 25.37
C ARG A 245 -12.58 -9.98 24.53
N GLY A 246 -12.04 -10.62 23.48
CA GLY A 246 -12.86 -11.38 22.56
C GLY A 246 -12.95 -12.84 22.95
N THR A 247 -14.11 -13.48 22.68
CA THR A 247 -14.30 -14.89 22.99
C THR A 247 -14.81 -15.67 21.76
N ARG A 248 -15.14 -14.97 20.67
CA ARG A 248 -15.69 -15.62 19.49
C ARG A 248 -14.60 -16.43 18.79
N PRO A 249 -14.98 -17.48 18.01
CA PRO A 249 -14.00 -18.24 17.24
C PRO A 249 -13.36 -17.41 16.14
N GLU A 250 -12.24 -17.92 15.61
CA GLU A 250 -11.41 -17.24 14.64
C GLU A 250 -12.21 -16.93 13.37
N TRP A 251 -13.19 -17.79 13.06
CA TRP A 251 -13.97 -17.67 11.84
C TRP A 251 -15.07 -16.62 11.95
N LEU A 252 -15.27 -16.03 13.15
CA LEU A 252 -16.12 -14.87 13.35
C LEU A 252 -15.27 -13.60 13.56
N ALA A 253 -14.12 -13.74 14.22
CA ALA A 253 -13.26 -12.63 14.54
C ALA A 253 -11.80 -13.09 14.49
N ALA A 254 -11.05 -12.60 13.50
CA ALA A 254 -9.70 -13.08 13.24
C ALA A 254 -8.78 -12.74 14.40
N ARG A 255 -7.76 -13.58 14.60
CA ARG A 255 -6.76 -13.39 15.63
C ARG A 255 -5.36 -13.25 15.03
N ASP A 256 -5.22 -13.51 13.73
CA ASP A 256 -3.94 -13.38 13.04
C ASP A 256 -3.90 -12.02 12.33
N PHE A 257 -3.05 -11.13 12.83
CA PHE A 257 -3.03 -9.74 12.40
C PHE A 257 -1.88 -9.49 11.43
N THR A 258 -1.37 -10.55 10.80
CA THR A 258 -0.33 -10.42 9.81
C THR A 258 -0.82 -9.53 8.68
N PRO A 259 -0.07 -8.48 8.28
CA PRO A 259 -0.50 -7.62 7.18
C PRO A 259 -0.61 -8.40 5.88
N LEU A 260 -1.71 -8.19 5.16
CA LEU A 260 -1.91 -8.81 3.86
C LEU A 260 -1.02 -8.17 2.81
N THR A 261 -0.53 -9.04 1.90
CA THR A 261 0.19 -8.65 0.71
C THR A 261 -0.64 -8.98 -0.52
N ALA A 262 -0.40 -8.24 -1.60
CA ALA A 262 -1.15 -8.39 -2.83
C ALA A 262 -0.74 -9.66 -3.56
N LEU A 263 -1.72 -10.28 -4.22
CA LEU A 263 -1.49 -11.38 -5.13
C LEU A 263 -0.66 -10.89 -6.31
N GLN A 264 0.38 -11.65 -6.69
CA GLN A 264 1.11 -11.41 -7.92
C GLN A 264 0.63 -12.42 -8.98
N ALA A 265 0.90 -12.10 -10.25
CA ALA A 265 0.58 -12.99 -11.36
C ALA A 265 1.71 -14.00 -11.53
N THR A 266 1.41 -15.27 -11.23
CA THR A 266 2.37 -16.36 -11.33
C THR A 266 1.89 -17.36 -12.38
N SER A 267 2.72 -18.38 -12.62
CA SER A 267 2.48 -19.38 -13.65
C SER A 267 1.47 -20.44 -13.21
N PHE A 268 1.03 -20.37 -11.94
CA PHE A 268 0.00 -21.26 -11.44
C PHE A 268 -0.74 -20.56 -10.29
N GLN B 1 -0.51 2.69 21.43
CA GLN B 1 0.47 3.57 20.76
C GLN B 1 0.12 3.66 19.27
N ILE B 2 0.34 4.85 18.68
CA ILE B 2 -0.27 5.20 17.40
C ILE B 2 0.80 5.70 16.44
N MET B 3 0.75 5.19 15.21
CA MET B 3 1.43 5.80 14.07
C MET B 3 0.45 6.75 13.39
N GLU B 4 0.95 7.91 12.93
CA GLU B 4 0.14 8.81 12.12
C GLU B 4 -0.39 8.01 10.94
N PRO B 5 -1.71 8.07 10.63
CA PRO B 5 -2.25 7.36 9.49
C PRO B 5 -1.44 7.65 8.22
N HIS B 6 -1.30 6.63 7.37
CA HIS B 6 -0.48 6.76 6.19
C HIS B 6 -0.90 7.97 5.38
N ASP B 7 0.08 8.82 5.08
CA ASP B 7 -0.04 9.94 4.16
C ASP B 7 0.50 9.52 2.81
N THR B 8 -0.27 9.78 1.75
CA THR B 8 0.19 9.54 0.41
C THR B 8 0.29 10.88 -0.30
N LEU B 9 0.85 10.87 -1.50
CA LEU B 9 1.00 12.08 -2.29
C LEU B 9 -0.35 12.49 -2.85
N SER B 10 -0.55 13.81 -2.99
CA SER B 10 -1.71 14.36 -3.66
C SER B 10 -1.62 14.04 -5.15
N PRO B 11 -2.74 14.07 -5.90
CA PRO B 11 -2.69 13.93 -7.36
C PRO B 11 -1.70 14.89 -8.03
N ALA B 12 -1.64 16.14 -7.53
CA ALA B 12 -0.76 17.14 -8.11
C ALA B 12 0.71 16.75 -7.90
N GLN B 13 1.01 16.17 -6.72
CA GLN B 13 2.36 15.71 -6.41
C GLN B 13 2.70 14.51 -7.29
N VAL B 14 1.76 13.57 -7.47
CA VAL B 14 1.99 12.42 -8.33
C VAL B 14 2.25 12.90 -9.75
N ASP B 15 1.42 13.83 -10.24
CA ASP B 15 1.55 14.35 -11.59
C ASP B 15 2.92 15.02 -11.78
N GLU B 16 3.37 15.77 -10.76
CA GLU B 16 4.66 16.42 -10.82
C GLU B 16 5.77 15.37 -10.88
N TYR B 17 5.66 14.33 -10.05
CA TYR B 17 6.65 13.27 -10.04
C TYR B 17 6.74 12.59 -11.40
N ARG B 18 5.59 12.30 -12.03
CA ARG B 18 5.60 11.58 -13.29
C ARG B 18 6.14 12.46 -14.41
N LYS B 19 5.82 13.77 -14.36
CA LYS B 19 6.24 14.69 -15.41
C LYS B 19 7.74 14.94 -15.33
N ASN B 20 8.22 15.32 -14.14
CA ASN B 20 9.58 15.78 -13.94
C ASN B 20 10.53 14.61 -13.70
N GLY B 21 10.02 13.53 -13.09
CA GLY B 21 10.83 12.37 -12.74
C GLY B 21 11.42 12.47 -11.33
N PHE B 22 11.05 13.53 -10.60
CA PHE B 22 11.49 13.72 -9.22
C PHE B 22 10.51 14.64 -8.48
N LEU B 23 10.58 14.58 -7.14
CA LEU B 23 9.71 15.36 -6.26
C LEU B 23 10.35 15.44 -4.87
N VAL B 24 10.35 16.63 -4.27
CA VAL B 24 10.83 16.85 -2.92
C VAL B 24 9.62 16.99 -1.98
N GLN B 25 9.66 16.25 -0.87
CA GLN B 25 8.84 16.54 0.29
C GLN B 25 9.74 17.10 1.39
N GLU B 26 9.44 18.32 1.87
CA GLU B 26 10.28 18.95 2.88
C GLU B 26 9.90 18.44 4.27
N HIS B 27 10.90 18.31 5.14
CA HIS B 27 10.69 18.14 6.57
C HIS B 27 9.87 16.88 6.87
N VAL B 28 10.24 15.75 6.24
CA VAL B 28 9.56 14.49 6.51
C VAL B 28 9.99 13.97 7.88
N PHE B 29 11.31 14.03 8.14
CA PHE B 29 11.90 13.56 9.39
C PHE B 29 12.38 14.75 10.19
N ASP B 30 12.29 14.66 11.53
CA ASP B 30 12.67 15.76 12.39
C ASP B 30 14.15 15.66 12.71
N GLU B 31 14.69 16.67 13.43
CA GLU B 31 16.11 16.76 13.72
C GLU B 31 16.60 15.55 14.52
N GLU B 32 15.77 15.09 15.47
CA GLU B 32 16.20 14.02 16.34
C GLU B 32 16.23 12.72 15.54
N GLU B 33 15.25 12.51 14.67
CA GLU B 33 15.23 11.36 13.78
C GLU B 33 16.46 11.35 12.87
N ILE B 34 16.78 12.51 12.28
CA ILE B 34 17.91 12.59 11.36
C ILE B 34 19.20 12.31 12.12
N GLU B 35 19.32 12.80 13.36
CA GLU B 35 20.52 12.55 14.13
C GLU B 35 20.68 11.06 14.39
N LEU B 36 19.59 10.33 14.66
CA LEU B 36 19.67 8.89 14.84
C LEU B 36 20.18 8.21 13.56
N LEU B 37 19.75 8.71 12.39
CA LEU B 37 20.16 8.12 11.13
C LEU B 37 21.63 8.45 10.84
N ARG B 38 22.04 9.69 11.17
N ARG B 38 22.03 9.70 11.16
CA ARG B 38 23.42 10.11 10.95
CA ARG B 38 23.40 10.13 10.97
C ARG B 38 24.36 9.25 11.79
C ARG B 38 24.36 9.26 11.79
N ALA B 39 23.99 9.01 13.06
CA ALA B 39 24.82 8.21 13.95
C ALA B 39 24.93 6.78 13.43
N GLU B 40 23.82 6.23 12.92
CA GLU B 40 23.83 4.87 12.39
C GLU B 40 24.65 4.81 11.10
N ALA B 41 24.58 5.85 10.27
CA ALA B 41 25.39 5.93 9.07
C ALA B 41 26.88 5.87 9.42
N ALA B 42 27.27 6.60 10.48
CA ALA B 42 28.66 6.60 10.93
C ALA B 42 29.09 5.20 11.35
N GLN B 43 28.20 4.47 12.03
CA GLN B 43 28.49 3.11 12.46
C GLN B 43 28.69 2.21 11.24
N GLU B 44 27.85 2.39 10.20
CA GLU B 44 27.94 1.59 9.00
C GLU B 44 29.22 1.90 8.23
N PHE B 45 29.64 3.17 8.21
CA PHE B 45 30.91 3.52 7.60
C PHE B 45 32.07 2.80 8.29
N ALA B 46 31.97 2.65 9.61
CA ALA B 46 33.05 2.08 10.41
C ALA B 46 33.03 0.55 10.35
N SER B 47 31.87 -0.06 10.15
CA SER B 47 31.72 -1.51 10.32
C SER B 47 31.42 -2.22 9.01
N GLY B 48 31.33 -1.48 7.89
CA GLY B 48 30.77 -1.99 6.65
C GLY B 48 31.68 -2.96 5.91
N GLY B 49 33.00 -2.88 6.15
CA GLY B 49 33.97 -3.76 5.52
C GLY B 49 33.96 -3.62 4.00
N GLU B 50 33.66 -4.73 3.29
CA GLU B 50 33.68 -4.77 1.84
C GLU B 50 32.54 -3.92 1.25
N ARG B 51 31.52 -3.60 2.06
CA ARG B 51 30.37 -2.86 1.58
C ARG B 51 30.66 -1.36 1.52
N VAL B 52 31.82 -0.92 2.03
CA VAL B 52 32.18 0.49 2.02
C VAL B 52 32.97 0.81 0.76
N THR B 53 32.71 2.00 0.20
CA THR B 53 33.51 2.55 -0.88
C THR B 53 34.37 3.69 -0.32
N VAL B 54 35.67 3.66 -0.61
CA VAL B 54 36.62 4.62 -0.04
C VAL B 54 37.32 5.37 -1.17
N GLU B 55 37.75 6.61 -0.88
CA GLU B 55 38.51 7.41 -1.82
C GLU B 55 39.94 6.87 -1.92
N ILE B 60 39.51 7.64 2.96
CA ILE B 60 38.28 8.45 3.20
C ILE B 60 37.05 7.68 2.73
N VAL B 61 36.16 7.37 3.67
CA VAL B 61 34.91 6.67 3.39
C VAL B 61 33.99 7.59 2.59
N ARG B 62 33.61 7.14 1.39
CA ARG B 62 32.73 7.88 0.49
C ARG B 62 31.28 7.45 0.71
N GLY B 63 31.06 6.14 0.75
CA GLY B 63 29.72 5.60 0.94
C GLY B 63 29.71 4.13 1.33
N VAL B 64 28.50 3.60 1.54
CA VAL B 64 28.32 2.22 1.96
C VAL B 64 27.01 1.71 1.34
N HIS B 65 27.00 0.43 0.97
CA HIS B 65 25.83 -0.22 0.38
C HIS B 65 25.26 -1.27 1.34
N GLY B 66 23.92 -1.42 1.31
CA GLY B 66 23.25 -2.62 1.80
C GLY B 66 22.91 -2.59 3.28
N CYS B 67 22.91 -1.40 3.90
CA CYS B 67 22.85 -1.27 5.35
C CYS B 67 21.55 -1.84 5.93
N HIS B 68 20.46 -1.81 5.17
CA HIS B 68 19.18 -2.29 5.68
C HIS B 68 19.21 -3.78 5.98
N LEU B 69 20.20 -4.50 5.42
CA LEU B 69 20.35 -5.93 5.65
C LEU B 69 21.15 -6.20 6.92
N TYR B 70 21.86 -5.19 7.45
CA TYR B 70 22.83 -5.41 8.52
C TYR B 70 22.53 -4.54 9.74
N SER B 71 21.70 -3.51 9.58
CA SER B 71 21.39 -2.54 10.63
C SER B 71 19.90 -2.63 10.96
N GLU B 72 19.58 -2.80 12.25
CA GLU B 72 18.20 -2.87 12.70
C GLU B 72 17.50 -1.54 12.39
N VAL B 73 18.20 -0.43 12.64
CA VAL B 73 17.66 0.90 12.43
C VAL B 73 17.28 1.08 10.96
N PHE B 74 18.21 0.75 10.04
CA PHE B 74 17.97 0.97 8.63
C PHE B 74 16.95 -0.04 8.11
N GLY B 75 16.90 -1.26 8.69
CA GLY B 75 15.87 -2.21 8.35
C GLY B 75 14.47 -1.70 8.68
N ARG B 76 14.34 -0.96 9.79
N ARG B 76 14.36 -0.98 9.81
CA ARG B 76 13.07 -0.35 10.17
CA ARG B 76 13.14 -0.31 10.24
C ARG B 76 12.78 0.86 9.27
C ARG B 76 12.80 0.84 9.30
N LEU B 77 13.81 1.64 8.95
CA LEU B 77 13.62 2.85 8.15
C LEU B 77 12.91 2.56 6.83
N VAL B 78 13.32 1.48 6.14
CA VAL B 78 12.76 1.20 4.82
C VAL B 78 11.28 0.82 4.94
N ARG B 79 10.81 0.43 6.14
CA ARG B 79 9.41 0.12 6.38
C ARG B 79 8.64 1.32 6.96
N SER B 80 9.27 2.51 6.99
CA SER B 80 8.68 3.65 7.67
C SER B 80 7.32 4.01 7.07
N PRO B 81 6.32 4.38 7.89
CA PRO B 81 5.06 4.89 7.36
C PRO B 81 5.20 6.21 6.58
N ARG B 82 6.36 6.88 6.70
CA ARG B 82 6.66 8.08 5.94
C ARG B 82 7.12 7.76 4.52
N LEU B 83 7.53 6.50 4.26
CA LEU B 83 8.17 6.15 3.00
C LEU B 83 7.39 5.06 2.27
N LEU B 84 7.09 3.96 2.96
CA LEU B 84 6.58 2.77 2.29
C LEU B 84 5.26 3.06 1.57
N PRO B 85 4.28 3.78 2.16
CA PRO B 85 3.02 4.03 1.46
C PRO B 85 3.16 4.78 0.14
N ILE B 86 4.12 5.71 0.09
CA ILE B 86 4.36 6.50 -1.10
C ILE B 86 5.05 5.65 -2.17
N ALA B 87 6.00 4.79 -1.78
CA ALA B 87 6.63 3.87 -2.72
C ALA B 87 5.56 2.96 -3.34
N ARG B 88 4.67 2.41 -2.52
CA ARG B 88 3.60 1.56 -3.01
C ARG B 88 2.69 2.32 -3.96
N GLN B 89 2.40 3.58 -3.61
CA GLN B 89 1.52 4.43 -4.38
C GLN B 89 2.13 4.70 -5.76
N LEU B 90 3.41 5.10 -5.79
CA LEU B 90 4.02 5.54 -7.05
C LEU B 90 4.31 4.35 -7.97
N LEU B 91 4.69 3.20 -7.40
CA LEU B 91 4.99 2.04 -8.21
C LEU B 91 3.74 1.16 -8.42
N ARG B 92 2.64 1.52 -7.75
CA ARG B 92 1.35 0.87 -7.95
C ARG B 92 1.48 -0.63 -7.71
N ASP B 93 2.16 -1.01 -6.63
CA ASP B 93 2.43 -2.41 -6.34
C ASP B 93 2.88 -2.51 -4.88
N ASP B 94 2.93 -3.73 -4.37
CA ASP B 94 3.81 -4.02 -3.24
C ASP B 94 5.25 -3.78 -3.70
N VAL B 95 6.12 -3.45 -2.75
CA VAL B 95 7.49 -3.07 -3.07
C VAL B 95 8.45 -3.79 -2.12
N TYR B 96 9.72 -3.85 -2.54
CA TYR B 96 10.83 -4.30 -1.73
C TYR B 96 12.02 -3.38 -2.01
N VAL B 97 13.09 -3.49 -1.20
CA VAL B 97 14.28 -2.68 -1.41
C VAL B 97 15.23 -3.41 -2.35
N HIS B 98 15.49 -2.80 -3.53
CA HIS B 98 16.46 -3.33 -4.46
C HIS B 98 17.88 -2.99 -4.00
N GLN B 99 18.07 -1.74 -3.58
CA GLN B 99 19.38 -1.25 -3.20
C GLN B 99 19.24 -0.17 -2.13
N PHE B 100 20.24 -0.11 -1.25
CA PHE B 100 20.34 0.85 -0.17
C PHE B 100 21.76 1.39 -0.18
N LYS B 101 21.91 2.72 -0.17
CA LYS B 101 23.24 3.28 -0.07
C LYS B 101 23.21 4.62 0.66
N ILE B 102 24.34 4.89 1.33
CA ILE B 102 24.59 6.17 1.97
C ILE B 102 25.75 6.82 1.24
N ASN B 103 25.51 8.03 0.75
CA ASN B 103 26.48 8.83 0.01
C ASN B 103 26.84 10.04 0.85
N ALA B 104 28.05 10.06 1.39
CA ALA B 104 28.56 11.20 2.14
C ALA B 104 29.38 12.09 1.20
N LYS B 105 29.04 13.38 1.16
CA LYS B 105 29.85 14.34 0.44
C LYS B 105 30.22 15.46 1.40
N ARG B 106 31.42 15.33 1.98
CA ARG B 106 31.85 16.17 3.08
C ARG B 106 32.16 17.57 2.55
N ALA B 107 32.12 18.55 3.48
CA ALA B 107 32.49 19.93 3.19
C ALA B 107 33.82 19.97 2.45
N PHE B 108 33.86 20.74 1.36
CA PHE B 108 35.08 21.00 0.59
C PHE B 108 35.66 19.70 0.04
N LYS B 109 34.80 18.70 -0.23
CA LYS B 109 35.26 17.43 -0.76
C LYS B 109 34.29 16.96 -1.85
N GLY B 110 34.67 15.87 -2.51
CA GLY B 110 33.85 15.26 -3.55
C GLY B 110 34.54 15.33 -4.91
N GLU B 111 34.03 14.52 -5.84
CA GLU B 111 34.49 14.51 -7.22
C GLU B 111 33.27 14.71 -8.11
N VAL B 112 33.52 14.99 -9.40
CA VAL B 112 32.44 15.07 -10.37
C VAL B 112 31.82 13.69 -10.53
N TRP B 113 30.49 13.64 -10.53
CA TRP B 113 29.75 12.40 -10.67
C TRP B 113 29.05 12.41 -12.02
N GLU B 114 29.48 11.51 -12.92
CA GLU B 114 29.10 11.56 -14.32
C GLU B 114 27.58 11.36 -14.46
N TRP B 115 27.03 11.87 -15.56
CA TRP B 115 25.62 11.67 -15.87
C TRP B 115 25.35 10.18 -16.05
N HIS B 116 24.27 9.71 -15.42
CA HIS B 116 23.90 8.32 -15.54
C HIS B 116 22.42 8.14 -15.20
N GLN B 117 21.89 7.00 -15.63
CA GLN B 117 20.56 6.53 -15.25
C GLN B 117 20.75 5.26 -14.44
N ASP B 118 20.18 5.22 -13.23
CA ASP B 118 20.29 4.05 -12.38
C ASP B 118 19.77 2.81 -13.08
N TYR B 119 18.68 2.97 -13.83
CA TYR B 119 18.03 1.83 -14.48
C TYR B 119 18.99 1.13 -15.45
N THR B 120 19.88 1.88 -16.11
CA THR B 120 20.83 1.27 -17.03
C THR B 120 21.67 0.23 -16.29
N PHE B 121 22.13 0.59 -15.08
CA PHE B 121 22.90 -0.31 -14.24
C PHE B 121 22.05 -1.52 -13.82
N TRP B 122 20.84 -1.25 -13.32
CA TRP B 122 20.03 -2.30 -12.73
C TRP B 122 19.52 -3.26 -13.81
N HIS B 123 19.26 -2.74 -15.00
CA HIS B 123 18.84 -3.56 -16.13
C HIS B 123 19.96 -4.51 -16.53
N HIS B 124 21.15 -3.95 -16.80
CA HIS B 124 22.24 -4.71 -17.39
C HIS B 124 22.97 -5.54 -16.33
N GLU B 125 23.12 -5.02 -15.11
CA GLU B 125 23.88 -5.71 -14.07
C GLU B 125 23.01 -6.75 -13.36
N ASP B 126 21.75 -6.40 -13.08
CA ASP B 126 20.95 -7.15 -12.12
C ASP B 126 19.75 -7.84 -12.77
N GLY B 127 19.45 -7.50 -14.03
CA GLY B 127 18.32 -8.11 -14.72
C GLY B 127 16.98 -7.52 -14.31
N MET B 128 16.97 -6.22 -13.97
CA MET B 128 15.72 -5.53 -13.71
C MET B 128 14.99 -5.36 -15.04
N PRO B 129 13.77 -5.94 -15.21
CA PRO B 129 13.14 -6.02 -16.53
C PRO B 129 12.54 -4.72 -17.06
N ALA B 130 12.11 -3.82 -16.17
CA ALA B 130 11.52 -2.54 -16.56
C ALA B 130 11.88 -1.50 -15.52
N PRO B 131 11.82 -0.18 -15.84
CA PRO B 131 12.17 0.86 -14.87
C PRO B 131 11.06 1.20 -13.86
N ARG B 132 10.42 0.15 -13.30
CA ARG B 132 9.33 0.32 -12.36
C ARG B 132 9.90 0.34 -10.94
N ALA B 133 10.77 1.33 -10.71
CA ALA B 133 11.49 1.49 -9.47
C ALA B 133 11.77 2.97 -9.25
N LEU B 134 12.13 3.33 -8.01
CA LEU B 134 12.44 4.69 -7.67
C LEU B 134 13.38 4.70 -6.47
N SER B 135 13.98 5.86 -6.22
CA SER B 135 14.83 6.06 -5.06
C SER B 135 14.24 7.17 -4.20
N ALA B 136 14.33 6.97 -2.88
CA ALA B 136 14.03 8.01 -1.90
C ALA B 136 15.35 8.43 -1.27
N ALA B 137 15.74 9.69 -1.50
CA ALA B 137 16.95 10.24 -0.91
C ALA B 137 16.60 11.10 0.29
N ILE B 138 17.00 10.64 1.48
CA ILE B 138 16.73 11.36 2.71
C ILE B 138 17.89 12.32 2.95
N PHE B 139 17.57 13.60 3.16
CA PHE B 139 18.56 14.64 3.38
C PHE B 139 19.01 14.64 4.84
N LEU B 140 20.24 14.15 5.11
CA LEU B 140 20.81 14.22 6.45
C LEU B 140 21.26 15.64 6.78
N ASP B 141 21.41 16.46 5.72
CA ASP B 141 21.81 17.85 5.85
C ASP B 141 21.00 18.66 4.84
N GLU B 142 20.86 19.97 5.08
CA GLU B 142 20.28 20.85 4.09
C GLU B 142 21.04 20.70 2.77
N VAL B 143 20.28 20.58 1.68
CA VAL B 143 20.86 20.55 0.35
C VAL B 143 20.71 21.95 -0.27
N THR B 144 21.85 22.50 -0.71
CA THR B 144 21.93 23.86 -1.22
C THR B 144 22.52 23.85 -2.63
N GLU B 145 22.66 25.06 -3.18
CA GLU B 145 23.31 25.28 -4.46
C GLU B 145 24.78 24.84 -4.42
N PHE B 146 25.39 24.80 -3.24
CA PHE B 146 26.83 24.81 -3.12
C PHE B 146 27.43 23.58 -2.43
N ASN B 147 26.61 22.60 -2.04
CA ASN B 147 27.15 21.41 -1.40
C ASN B 147 26.92 20.17 -2.27
N GLY B 148 27.01 20.36 -3.60
CA GLY B 148 27.02 19.26 -4.54
C GLY B 148 25.68 18.54 -4.62
N PRO B 149 24.56 19.25 -4.86
CA PRO B 149 23.24 18.61 -4.91
C PRO B 149 23.13 17.66 -6.09
N LEU B 150 22.35 16.60 -5.92
CA LEU B 150 21.95 15.78 -7.05
C LEU B 150 21.27 16.70 -8.07
N THR B 151 21.69 16.55 -9.33
CA THR B 151 21.22 17.39 -10.42
C THR B 151 20.59 16.49 -11.48
N PHE B 152 19.45 16.92 -12.01
CA PHE B 152 18.63 16.10 -12.88
C PHE B 152 18.32 16.83 -14.19
N VAL B 153 18.02 16.04 -15.23
CA VAL B 153 17.35 16.56 -16.41
C VAL B 153 15.86 16.29 -16.24
N PRO B 154 15.04 17.33 -15.97
CA PRO B 154 13.60 17.11 -15.74
C PRO B 154 12.95 16.55 -17.01
N GLY B 155 12.16 15.48 -16.83
CA GLY B 155 11.49 14.83 -17.94
C GLY B 155 12.43 13.93 -18.75
N GLY B 156 13.68 13.79 -18.28
CA GLY B 156 14.71 13.08 -19.02
C GLY B 156 14.56 11.56 -18.94
N HIS B 157 13.62 11.10 -18.10
CA HIS B 157 13.32 9.69 -17.93
C HIS B 157 12.32 9.20 -18.98
N GLY B 158 11.75 10.13 -19.75
CA GLY B 158 10.57 9.85 -20.55
C GLY B 158 10.86 9.33 -21.96
N SER B 159 12.15 9.12 -22.28
CA SER B 159 12.52 8.48 -23.54
C SER B 159 13.28 7.18 -23.24
N GLY B 160 13.06 6.61 -22.05
CA GLY B 160 13.62 5.32 -21.71
C GLY B 160 15.13 5.35 -21.52
N MET B 161 15.74 4.17 -21.67
CA MET B 161 17.15 3.95 -21.37
C MET B 161 17.99 4.55 -22.50
N ILE B 162 18.94 5.42 -22.13
CA ILE B 162 19.80 6.10 -23.10
C ILE B 162 21.08 5.27 -23.28
N ASP B 163 21.52 5.14 -24.53
CA ASP B 163 22.66 4.31 -24.87
C ASP B 163 23.90 4.82 -24.14
N ALA B 164 24.54 3.92 -23.39
CA ALA B 164 25.75 4.23 -22.62
C ALA B 164 26.90 3.35 -23.09
N ASP B 165 28.14 3.80 -22.82
CA ASP B 165 29.32 3.00 -23.10
C ASP B 165 29.69 2.22 -21.84
N VAL B 166 29.88 0.90 -22.01
CA VAL B 166 30.26 0.03 -20.90
C VAL B 166 31.77 0.14 -20.71
N LYS B 167 32.19 0.48 -19.48
CA LYS B 167 33.59 0.74 -19.18
C LYS B 167 33.97 -0.04 -17.93
N GLY B 168 34.67 -1.16 -18.12
CA GLY B 168 35.26 -1.90 -17.02
C GLY B 168 34.75 -3.34 -16.94
N GLU B 169 35.44 -4.13 -16.10
CA GLU B 169 35.13 -5.54 -15.88
C GLU B 169 34.91 -5.76 -14.39
N GLY B 170 33.73 -6.27 -14.03
CA GLY B 170 33.38 -6.56 -12.65
C GLY B 170 32.06 -5.94 -12.25
N TRP B 171 31.86 -5.79 -10.92
CA TRP B 171 30.61 -5.27 -10.37
C TRP B 171 30.54 -3.76 -10.60
N ALA B 172 29.48 -3.32 -11.29
CA ALA B 172 29.18 -1.90 -11.39
C ALA B 172 28.89 -1.35 -10.00
N ASN B 173 28.99 -0.02 -9.87
CA ASN B 173 28.87 0.66 -8.60
C ASN B 173 28.79 2.15 -8.94
N THR B 174 27.65 2.78 -8.60
CA THR B 174 27.46 4.18 -8.93
C THR B 174 28.20 5.06 -7.93
N LEU B 175 28.90 4.47 -6.95
CA LEU B 175 29.73 5.24 -6.05
C LEU B 175 31.21 5.15 -6.46
N THR B 176 31.51 4.40 -7.52
CA THR B 176 32.88 4.30 -8.03
C THR B 176 33.27 5.60 -8.71
N ALA B 177 34.58 5.75 -8.94
CA ALA B 177 35.13 6.92 -9.61
C ALA B 177 34.65 6.97 -11.06
N SER B 178 34.99 5.93 -11.83
CA SER B 178 34.56 5.80 -13.21
C SER B 178 33.32 4.90 -13.28
N LEU B 179 32.19 5.50 -13.69
CA LEU B 179 30.94 4.76 -13.83
C LEU B 179 31.03 3.81 -15.01
N LYS B 180 30.49 2.60 -14.85
CA LYS B 180 30.54 1.58 -15.87
C LYS B 180 29.67 2.00 -17.06
N TYR B 181 28.51 2.61 -16.76
CA TYR B 181 27.61 3.12 -17.79
C TYR B 181 27.44 4.63 -17.59
N SER B 182 28.14 5.42 -18.42
CA SER B 182 28.03 6.86 -18.37
C SER B 182 27.43 7.37 -19.68
N LEU B 183 26.86 8.58 -19.61
CA LEU B 183 26.30 9.26 -20.77
C LEU B 183 27.32 10.27 -21.28
N ASP B 184 27.57 10.25 -22.60
CA ASP B 184 28.61 11.08 -23.21
C ASP B 184 28.14 12.53 -23.28
N VAL B 185 29.07 13.42 -23.64
CA VAL B 185 28.81 14.85 -23.68
C VAL B 185 27.77 15.16 -24.75
N GLU B 186 27.83 14.43 -25.89
CA GLU B 186 26.96 14.71 -27.03
C GLU B 186 25.50 14.36 -26.70
N THR B 187 25.31 13.20 -26.05
CA THR B 187 23.97 12.76 -25.67
C THR B 187 23.34 13.74 -24.68
N MET B 188 24.14 14.16 -23.70
CA MET B 188 23.65 14.99 -22.62
C MET B 188 23.43 16.41 -23.13
N ARG B 189 24.28 16.90 -24.03
CA ARG B 189 24.13 18.22 -24.60
CA ARG B 189 24.13 18.23 -24.60
C ARG B 189 22.70 18.37 -25.14
N GLY B 190 22.30 17.42 -25.99
CA GLY B 190 20.98 17.44 -26.60
C GLY B 190 19.86 17.43 -25.55
N LEU B 191 19.96 16.51 -24.59
CA LEU B 191 18.99 16.36 -23.52
C LEU B 191 18.88 17.65 -22.71
N ILE B 192 20.03 18.23 -22.35
CA ILE B 192 20.04 19.41 -21.51
C ILE B 192 19.56 20.63 -22.31
N GLU B 193 19.92 20.71 -23.60
CA GLU B 193 19.46 21.82 -24.43
C GLU B 193 17.94 21.82 -24.51
N ARG B 194 17.33 20.63 -24.59
CA ARG B 194 15.89 20.52 -24.73
C ARG B 194 15.17 20.73 -23.40
N ASN B 195 15.73 20.15 -22.31
CA ASN B 195 14.97 19.97 -21.07
C ASN B 195 15.52 20.79 -19.92
N GLY B 196 16.78 21.23 -20.01
CA GLY B 196 17.42 21.97 -18.93
C GLY B 196 17.93 21.05 -17.82
N MET B 197 18.37 21.68 -16.73
CA MET B 197 18.87 20.98 -15.56
C MET B 197 18.19 21.59 -14.33
N VAL B 198 18.01 20.75 -13.29
CA VAL B 198 17.47 21.20 -12.03
C VAL B 198 18.20 20.47 -10.90
N ALA B 199 18.58 21.22 -9.87
CA ALA B 199 19.15 20.68 -8.65
C ALA B 199 18.18 20.93 -7.51
N PRO B 200 17.28 19.97 -7.17
CA PRO B 200 16.30 20.17 -6.11
C PRO B 200 16.98 20.45 -4.78
N LYS B 201 16.49 21.47 -4.08
CA LYS B 201 17.02 21.87 -2.78
C LYS B 201 16.04 21.46 -1.70
N GLY B 202 16.49 21.50 -0.45
CA GLY B 202 15.57 21.25 0.65
C GLY B 202 16.27 21.21 2.00
N PRO B 203 15.51 21.43 3.10
CA PRO B 203 16.07 21.34 4.44
C PRO B 203 16.40 19.91 4.84
N ARG B 204 17.25 19.81 5.87
CA ARG B 204 17.50 18.57 6.58
C ARG B 204 16.17 17.89 6.88
N GLY B 205 16.09 16.58 6.61
CA GLY B 205 14.92 15.79 6.92
C GLY B 205 13.95 15.69 5.75
N SER B 206 14.26 16.37 4.64
CA SER B 206 13.47 16.26 3.42
C SER B 206 13.70 14.91 2.76
N VAL B 207 12.75 14.51 1.89
CA VAL B 207 12.92 13.33 1.05
C VAL B 207 12.80 13.76 -0.41
N LEU B 208 13.80 13.37 -1.20
CA LEU B 208 13.79 13.56 -2.64
C LEU B 208 13.50 12.20 -3.30
N TRP B 209 12.32 12.10 -3.92
CA TRP B 209 11.91 10.93 -4.69
C TRP B 209 12.37 11.10 -6.13
N PHE B 210 12.99 10.07 -6.73
CA PHE B 210 13.36 10.19 -8.13
C PHE B 210 13.32 8.83 -8.85
N ASP B 211 13.00 8.94 -10.14
CA ASP B 211 12.69 7.81 -11.01
C ASP B 211 13.96 7.04 -11.31
N ALA B 212 13.82 5.71 -11.46
CA ALA B 212 14.93 4.83 -11.82
C ALA B 212 15.62 5.30 -13.10
N ASN B 213 14.86 5.92 -14.01
CA ASN B 213 15.37 6.20 -15.34
C ASN B 213 15.73 7.67 -15.54
N ILE B 214 15.71 8.50 -14.48
CA ILE B 214 16.04 9.91 -14.70
C ILE B 214 17.55 10.07 -14.75
N PRO B 215 18.10 10.79 -15.76
CA PRO B 215 19.52 11.13 -15.79
C PRO B 215 19.87 12.05 -14.62
N HIS B 216 20.95 11.72 -13.90
CA HIS B 216 21.40 12.60 -12.84
C HIS B 216 22.92 12.57 -12.69
N SER B 217 23.42 13.59 -11.98
N SER B 217 23.42 13.55 -11.94
CA SER B 217 24.83 13.90 -11.86
CA SER B 217 24.84 13.78 -11.75
C SER B 217 25.00 14.79 -10.63
C SER B 217 25.01 14.63 -10.50
N SER B 218 26.26 15.04 -10.23
CA SER B 218 26.56 15.99 -9.17
C SER B 218 28.02 16.44 -9.27
N VAL B 219 28.34 17.54 -8.59
CA VAL B 219 29.69 18.10 -8.60
C VAL B 219 30.23 18.08 -7.18
N PRO B 220 31.54 18.39 -6.97
CA PRO B 220 32.08 18.53 -5.62
C PRO B 220 31.36 19.56 -4.75
N ASN B 221 31.48 19.35 -3.43
CA ASN B 221 30.90 20.21 -2.41
C ASN B 221 31.92 21.30 -2.13
N ILE B 222 31.56 22.56 -2.47
CA ILE B 222 32.48 23.68 -2.37
C ILE B 222 32.10 24.55 -1.16
N SER B 223 31.34 23.96 -0.24
CA SER B 223 30.82 24.67 0.91
C SER B 223 31.45 24.11 2.18
N PRO B 224 31.34 24.81 3.32
CA PRO B 224 31.80 24.27 4.61
C PRO B 224 30.79 23.35 5.30
N PHE B 225 29.78 22.87 4.54
CA PHE B 225 28.71 22.06 5.08
C PHE B 225 28.66 20.71 4.37
N ASP B 226 28.47 19.64 5.15
CA ASP B 226 28.35 18.29 4.61
C ASP B 226 27.02 18.13 3.88
N ARG B 227 26.97 17.15 2.98
CA ARG B 227 25.76 16.78 2.27
C ARG B 227 25.61 15.25 2.34
N GLY B 228 25.07 14.76 3.44
CA GLY B 228 24.81 13.34 3.60
C GLY B 228 23.46 12.96 3.02
N LEU B 229 23.41 11.87 2.23
CA LEU B 229 22.17 11.34 1.69
C LEU B 229 22.06 9.86 2.04
N VAL B 230 20.87 9.45 2.48
CA VAL B 230 20.51 8.04 2.57
C VAL B 230 19.56 7.73 1.42
N LEU B 231 19.97 6.84 0.52
CA LEU B 231 19.20 6.53 -0.68
C LEU B 231 18.64 5.12 -0.62
N ILE B 232 17.31 5.03 -0.58
CA ILE B 232 16.59 3.77 -0.57
C ILE B 232 15.94 3.58 -1.94
N THR B 233 16.32 2.51 -2.64
CA THR B 233 15.71 2.19 -3.92
C THR B 233 14.65 1.12 -3.70
N TYR B 234 13.38 1.53 -3.91
CA TYR B 234 12.25 0.62 -3.89
C TYR B 234 11.98 0.12 -5.30
N ASN B 235 11.70 -1.17 -5.41
CA ASN B 235 11.32 -1.80 -6.68
C ASN B 235 9.96 -2.47 -6.49
N SER B 236 9.14 -2.41 -7.56
CA SER B 236 7.93 -3.20 -7.66
C SER B 236 8.24 -4.69 -7.51
N VAL B 237 7.43 -5.40 -6.72
CA VAL B 237 7.56 -6.83 -6.54
C VAL B 237 7.33 -7.56 -7.87
N GLU B 238 6.33 -7.11 -8.65
CA GLU B 238 6.12 -7.68 -9.98
C GLU B 238 7.39 -7.52 -10.82
N ASN B 239 8.09 -6.40 -10.62
CA ASN B 239 9.27 -6.02 -11.38
C ASN B 239 10.55 -6.57 -10.76
N LYS B 240 10.46 -7.63 -9.96
CA LYS B 240 11.63 -8.20 -9.32
C LYS B 240 12.67 -8.55 -10.38
N THR B 241 13.93 -8.43 -9.98
CA THR B 241 15.05 -8.66 -10.89
C THR B 241 15.16 -10.15 -11.19
N ASP B 242 15.83 -10.45 -12.31
CA ASP B 242 16.11 -11.82 -12.67
C ASP B 242 17.43 -12.22 -12.03
N VAL B 243 17.34 -13.02 -10.96
CA VAL B 243 18.51 -13.46 -10.19
C VAL B 243 19.41 -14.35 -11.06
N THR B 244 18.87 -14.83 -12.20
CA THR B 244 19.62 -15.68 -13.10
C THR B 244 20.50 -14.86 -14.04
N ARG B 245 20.15 -13.58 -14.24
CA ARG B 245 20.94 -12.65 -15.05
C ARG B 245 21.91 -11.85 -14.18
N GLY B 246 21.70 -11.82 -12.86
CA GLY B 246 22.50 -11.02 -11.96
C GLY B 246 23.74 -11.77 -11.45
N THR B 247 24.77 -11.02 -11.09
CA THR B 247 26.00 -11.57 -10.55
C THR B 247 26.40 -10.88 -9.24
N ARG B 248 25.81 -9.71 -8.97
CA ARG B 248 26.28 -8.86 -7.89
C ARG B 248 25.84 -9.44 -6.56
N PRO B 249 26.54 -9.13 -5.45
CA PRO B 249 26.12 -9.56 -4.12
C PRO B 249 24.81 -8.93 -3.69
N GLU B 250 24.20 -9.52 -2.65
CA GLU B 250 22.89 -9.14 -2.15
C GLU B 250 22.87 -7.68 -1.71
N TRP B 251 24.03 -7.19 -1.23
CA TRP B 251 24.14 -5.84 -0.68
C TRP B 251 24.28 -4.79 -1.78
N LEU B 252 24.39 -5.20 -3.05
CA LEU B 252 24.28 -4.31 -4.21
C LEU B 252 22.93 -4.48 -4.92
N ALA B 253 22.41 -5.72 -4.94
CA ALA B 253 21.16 -6.03 -5.62
C ALA B 253 20.43 -7.12 -4.85
N ALA B 254 19.28 -6.76 -4.26
CA ALA B 254 18.57 -7.65 -3.35
C ALA B 254 18.06 -8.88 -4.10
N ARG B 255 17.94 -10.00 -3.37
CA ARG B 255 17.45 -11.25 -3.92
C ARG B 255 16.19 -11.72 -3.17
N ASP B 256 15.87 -11.08 -2.05
CA ASP B 256 14.68 -11.41 -1.28
C ASP B 256 13.57 -10.42 -1.65
N PHE B 257 12.54 -10.93 -2.34
CA PHE B 257 11.50 -10.11 -2.93
C PHE B 257 10.23 -10.13 -2.08
N THR B 258 10.38 -10.48 -0.79
CA THR B 258 9.25 -10.46 0.14
C THR B 258 8.69 -9.04 0.18
N PRO B 259 7.36 -8.85 0.00
CA PRO B 259 6.77 -7.50 0.09
C PRO B 259 6.98 -6.90 1.48
N LEU B 260 7.38 -5.63 1.51
CA LEU B 260 7.54 -4.92 2.76
C LEU B 260 6.18 -4.58 3.36
N THR B 261 6.14 -4.64 4.71
CA THR B 261 5.02 -4.17 5.51
C THR B 261 5.47 -2.95 6.32
N ALA B 262 4.48 -2.12 6.68
CA ALA B 262 4.73 -0.89 7.39
C ALA B 262 5.05 -1.19 8.85
N LEU B 263 5.95 -0.36 9.41
CA LEU B 263 6.22 -0.34 10.83
C LEU B 263 4.95 0.06 11.58
N GLN B 264 4.60 -0.69 12.64
CA GLN B 264 3.56 -0.27 13.57
C GLN B 264 4.21 0.33 14.81
N ALA B 265 3.44 1.11 15.58
CA ALA B 265 3.89 1.68 16.83
C ALA B 265 3.72 0.66 17.96
N THR B 266 4.84 0.18 18.50
CA THR B 266 4.86 -0.81 19.56
C THR B 266 5.49 -0.21 20.82
N SER B 267 5.50 -0.99 21.90
CA SER B 267 6.00 -0.56 23.21
C SER B 267 7.54 -0.60 23.28
N PHE B 268 8.19 -1.09 22.21
CA PHE B 268 9.64 -1.13 22.14
C PHE B 268 10.07 -1.08 20.66
CL CL C . -20.43 -9.86 13.69
CL CL D . 24.07 0.27 -9.01
#